data_4NLZ
#
_entry.id   4NLZ
#
_cell.length_a   54.414
_cell.length_b   79.438
_cell.length_c   54.798
_cell.angle_alpha   90.000
_cell.angle_beta   105.370
_cell.angle_gamma   90.000
#
_symmetry.space_group_name_H-M   'P 1 21 1'
#
loop_
_entity.id
_entity.type
_entity.pdbx_description
1 polymer 'DNA polymerase beta'
2 polymer "5'-D(*CP*CP*GP*AP*CP*(BGM)P*TP*CP*GP*CP*AP*TP*CP*AP*GP*C)-3'"
3 polymer "5'-D(*GP*CP*TP*GP*AP*TP*GP*CP*GP*AP*G)-3'"
4 polymer "5'-D(P*GP*TP*CP*GP*G)-3'"
5 non-polymer 'MAGNESIUM ION'
6 non-polymer 'SODIUM ION'
7 non-polymer 'PHOSPHATE ION'
8 water water
#
loop_
_entity_poly.entity_id
_entity_poly.type
_entity_poly.pdbx_seq_one_letter_code
_entity_poly.pdbx_strand_id
1 'polypeptide(L)'
;PQETLNGGITDMLTELANFEKNVSQAIHKYNAYRKAASVIAKYPHKIKSGAEAKKLPGVGTKIAEKIDEFLATGKLRKLE
KIRQDDTSSSINFLTRVSGIGPSAARKFVDEGIKTLEDLRKNEDKLNHHQRIGLKYFGDFEKRIPREEMLQMQDIVLNEV
KKVDSEYIATVCGSFRRGAESSGDMDVLLTHPSFTSESTKQPKLLHQVVEQLQKVHFITDTLSKGETKFMGVCQLPSKND
EKEYPHRRIDIRLIPKDQYYCGVLYFTGSDIFNKNMRAHALEKGFTINEYTIRPLGVTGVAGEPLPVDSEKDIFDYIQWK
YREPKDRSE
;
A
2 'polydeoxyribonucleotide' (DC)(DC)(DG)(DA)(DC)(BGM)(DT)(DC)(DG)(DC)(DA)(DT)(DC)(DA)(DG)(DC) T
3 'polydeoxyribonucleotide' (DG)(DC)(DT)(DG)(DA)(DT)(DG)(DC)(DG)(DA)(DG) P
4 'polydeoxyribonucleotide' (DG)(DT)(DC)(DG)(DG) D
#
loop_
_chem_comp.id
_chem_comp.type
_chem_comp.name
_chem_comp.formula
BGM DNA linking 8-BROMO-2'-DEOXYGUANOSINE-5'-MONOPHOSPHATE 'C10 H13 Br N5 O7 P'
DA DNA linking 2'-DEOXYADENOSINE-5'-MONOPHOSPHATE 'C10 H14 N5 O6 P'
DC DNA linking 2'-DEOXYCYTIDINE-5'-MONOPHOSPHATE 'C9 H14 N3 O7 P'
DG DNA linking 2'-DEOXYGUANOSINE-5'-MONOPHOSPHATE 'C10 H14 N5 O7 P'
DT DNA linking THYMIDINE-5'-MONOPHOSPHATE 'C10 H15 N2 O8 P'
MG non-polymer 'MAGNESIUM ION' 'Mg 2'
NA non-polymer 'SODIUM ION' 'Na 1'
PO4 non-polymer 'PHOSPHATE ION' 'O4 P -3'
#
# COMPACT_ATOMS: atom_id res chain seq x y z
N GLU A 3 -8.67 -19.79 -5.22
CA GLU A 3 -8.40 -20.29 -3.90
C GLU A 3 -8.20 -21.77 -4.00
N THR A 4 -9.20 -22.56 -3.69
CA THR A 4 -9.07 -23.89 -3.18
C THR A 4 -8.22 -24.74 -4.08
N LEU A 5 -8.14 -24.34 -5.34
CA LEU A 5 -7.22 -24.90 -6.32
C LEU A 5 -5.84 -25.10 -5.71
N ASN A 6 -5.14 -24.02 -5.38
CA ASN A 6 -3.83 -24.09 -4.68
C ASN A 6 -3.69 -23.17 -3.45
N GLY A 7 -4.73 -23.13 -2.63
CA GLY A 7 -4.84 -22.16 -1.53
C GLY A 7 -4.04 -22.60 -0.33
N GLY A 8 -4.04 -23.92 -0.09
CA GLY A 8 -3.13 -24.51 0.89
C GLY A 8 -1.72 -23.97 0.71
N ILE A 9 -1.24 -23.96 -0.53
CA ILE A 9 0.10 -23.52 -0.89
C ILE A 9 0.26 -22.00 -0.74
N THR A 10 -0.65 -21.20 -1.30
CA THR A 10 -0.54 -19.75 -1.12
C THR A 10 -0.62 -19.28 0.35
N ASP A 11 -1.38 -19.99 1.19
CA ASP A 11 -1.39 -19.65 2.63
C ASP A 11 -0.06 -19.95 3.28
N MET A 12 0.48 -21.12 2.98
CA MET A 12 1.75 -21.53 3.49
C MET A 12 2.78 -20.44 3.12
N LEU A 13 2.87 -20.14 1.84
CA LEU A 13 3.84 -19.15 1.39
C LEU A 13 3.62 -17.77 1.96
N THR A 14 2.37 -17.39 2.20
CA THR A 14 2.08 -16.08 2.76
C THR A 14 2.42 -16.02 4.24
N GLU A 15 2.24 -17.15 4.93
CA GLU A 15 2.60 -17.26 6.32
C GLU A 15 4.12 -17.15 6.48
N LEU A 16 4.84 -17.97 5.73
CA LEU A 16 6.28 -17.88 5.66
C LEU A 16 6.76 -16.47 5.28
N ALA A 17 6.04 -15.81 4.36
CA ALA A 17 6.37 -14.44 3.99
C ALA A 17 6.32 -13.52 5.23
N ASN A 18 5.19 -13.55 5.96
CA ASN A 18 5.02 -12.78 7.20
C ASN A 18 6.09 -13.02 8.28
N PHE A 19 6.47 -14.27 8.51
CA PHE A 19 7.62 -14.57 9.41
C PHE A 19 8.96 -13.99 8.97
N GLU A 20 9.29 -14.05 7.68
CA GLU A 20 10.50 -13.40 7.20
C GLU A 20 10.49 -11.88 7.46
N LYS A 21 9.40 -11.21 7.14
CA LYS A 21 9.21 -9.78 7.43
C LYS A 21 9.35 -9.45 8.93
N ASN A 22 8.57 -10.13 9.77
CA ASN A 22 8.42 -9.69 11.18
C ASN A 22 9.30 -10.32 12.21
N VAL A 23 9.66 -11.58 11.99
CA VAL A 23 10.50 -12.26 12.94
C VAL A 23 11.95 -12.19 12.47
N SER A 24 12.21 -12.63 11.25
CA SER A 24 13.58 -12.81 10.78
C SER A 24 14.18 -11.49 10.35
N GLN A 25 13.30 -10.56 9.97
CA GLN A 25 13.67 -9.23 9.49
C GLN A 25 14.49 -9.41 8.22
N ALA A 26 13.86 -10.09 7.25
CA ALA A 26 14.49 -10.47 5.99
C ALA A 26 13.56 -10.07 4.85
N ILE A 27 13.52 -8.76 4.62
CA ILE A 27 12.43 -8.13 3.89
C ILE A 27 12.38 -8.68 2.47
N HIS A 28 13.58 -9.04 1.99
CA HIS A 28 13.72 -9.64 0.67
C HIS A 28 13.21 -11.04 0.58
N LYS A 29 13.40 -11.84 1.61
CA LYS A 29 12.77 -13.15 1.58
C LYS A 29 11.26 -12.96 1.77
N TYR A 30 10.85 -11.92 2.50
CA TYR A 30 9.42 -11.59 2.56
C TYR A 30 8.86 -11.39 1.14
N ASN A 31 9.52 -10.56 0.34
CA ASN A 31 9.00 -10.29 -1.01
C ASN A 31 9.09 -11.49 -1.98
N ALA A 32 10.09 -12.34 -1.77
CA ALA A 32 10.26 -13.55 -2.57
C ALA A 32 9.06 -14.49 -2.43
N TYR A 33 8.68 -14.79 -1.18
CA TYR A 33 7.53 -15.62 -0.89
C TYR A 33 6.29 -14.90 -1.34
N ARG A 34 6.25 -13.60 -1.16
CA ARG A 34 5.08 -12.90 -1.67
C ARG A 34 4.92 -13.02 -3.17
N LYS A 35 6.01 -12.83 -3.93
CA LYS A 35 5.97 -13.01 -5.38
C LYS A 35 5.56 -14.41 -5.76
N ALA A 36 6.15 -15.39 -5.07
CA ALA A 36 5.86 -16.80 -5.31
C ALA A 36 4.39 -17.07 -5.07
N ALA A 37 3.84 -16.45 -4.03
CA ALA A 37 2.43 -16.56 -3.72
C ALA A 37 1.57 -16.03 -4.87
N SER A 38 1.74 -14.75 -5.22
CA SER A 38 0.96 -14.16 -6.32
C SER A 38 0.97 -15.04 -7.55
N VAL A 39 2.16 -15.41 -8.03
CA VAL A 39 2.30 -16.21 -9.25
C VAL A 39 1.55 -17.55 -9.16
N ILE A 40 1.61 -18.24 -8.04
CA ILE A 40 0.88 -19.51 -7.93
C ILE A 40 -0.63 -19.22 -7.88
N ALA A 41 -0.99 -18.13 -7.21
CA ALA A 41 -2.40 -17.69 -7.10
C ALA A 41 -3.06 -17.41 -8.46
N LYS A 42 -2.26 -17.17 -9.49
CA LYS A 42 -2.80 -16.86 -10.82
C LYS A 42 -2.80 -18.10 -11.69
N TYR A 43 -2.20 -19.17 -11.21
CA TYR A 43 -1.99 -20.37 -12.00
C TYR A 43 -3.25 -21.21 -11.93
N PRO A 44 -3.91 -21.44 -13.09
CA PRO A 44 -5.22 -22.07 -13.03
C PRO A 44 -5.17 -23.59 -13.21
N HIS A 45 -4.36 -24.25 -12.40
CA HIS A 45 -4.27 -25.70 -12.38
C HIS A 45 -3.89 -26.09 -11.00
N LYS A 46 -4.44 -27.20 -10.51
CA LYS A 46 -4.12 -27.69 -9.16
C LYS A 46 -2.69 -28.26 -9.16
N ILE A 47 -1.77 -27.51 -8.58
CA ILE A 47 -0.35 -27.87 -8.65
C ILE A 47 -0.15 -29.28 -8.12
N LYS A 48 0.51 -30.11 -8.93
CA LYS A 48 0.65 -31.55 -8.66
C LYS A 48 1.96 -31.92 -8.01
N SER A 49 2.95 -31.04 -8.08
CA SER A 49 4.31 -31.28 -7.56
C SER A 49 5.13 -30.00 -7.54
N GLY A 50 6.20 -29.98 -6.77
CA GLY A 50 7.09 -28.82 -6.63
C GLY A 50 7.80 -28.47 -7.93
N ALA A 51 8.17 -29.51 -8.67
CA ALA A 51 8.76 -29.37 -10.00
C ALA A 51 7.80 -28.63 -10.95
N GLU A 52 6.52 -28.95 -10.86
CA GLU A 52 5.55 -28.26 -11.70
C GLU A 52 5.58 -26.76 -11.41
N ALA A 53 5.50 -26.41 -10.13
CA ALA A 53 5.53 -25.02 -9.70
C ALA A 53 6.81 -24.26 -10.11
N LYS A 54 7.97 -24.91 -9.93
CA LYS A 54 9.26 -24.32 -10.28
C LYS A 54 9.31 -23.58 -11.63
N LYS A 55 8.56 -24.11 -12.61
CA LYS A 55 8.41 -23.48 -13.92
C LYS A 55 8.03 -21.99 -13.85
N LEU A 56 7.27 -21.62 -12.83
CA LEU A 56 6.77 -20.28 -12.72
C LEU A 56 7.83 -19.34 -12.20
N PRO A 57 7.86 -18.13 -12.74
CA PRO A 57 8.78 -17.08 -12.25
C PRO A 57 8.58 -16.70 -10.75
N GLY A 58 9.68 -16.73 -10.00
CA GLY A 58 9.67 -16.40 -8.57
C GLY A 58 9.57 -17.63 -7.67
N VAL A 59 9.39 -18.80 -8.27
CA VAL A 59 9.34 -20.06 -7.54
C VAL A 59 10.61 -20.80 -7.88
N GLY A 60 11.47 -21.01 -6.88
CA GLY A 60 12.79 -21.57 -7.10
C GLY A 60 12.95 -22.95 -6.50
N THR A 61 14.19 -23.34 -6.22
CA THR A 61 14.43 -24.69 -5.68
C THR A 61 13.77 -24.85 -4.31
N LYS A 62 14.14 -24.01 -3.36
CA LYS A 62 13.66 -24.09 -1.98
C LYS A 62 12.15 -24.05 -1.83
N ILE A 63 11.45 -23.38 -2.75
CA ILE A 63 9.99 -23.36 -2.67
C ILE A 63 9.32 -24.57 -3.35
N ALA A 64 9.96 -25.10 -4.39
CA ALA A 64 9.59 -26.39 -4.94
C ALA A 64 9.66 -27.48 -3.85
N GLU A 65 10.75 -27.47 -3.06
CA GLU A 65 10.88 -28.40 -1.94
C GLU A 65 9.72 -28.33 -0.92
N LYS A 66 9.42 -27.12 -0.47
CA LYS A 66 8.32 -26.90 0.45
C LYS A 66 6.98 -27.39 -0.12
N ILE A 67 6.75 -27.13 -1.40
CA ILE A 67 5.52 -27.63 -2.05
C ILE A 67 5.42 -29.17 -2.06
N ASP A 68 6.52 -29.84 -2.40
CA ASP A 68 6.61 -31.30 -2.34
C ASP A 68 6.27 -31.84 -0.98
N GLU A 69 6.82 -31.22 0.08
CA GLU A 69 6.58 -31.63 1.49
C GLU A 69 5.10 -31.43 1.83
N PHE A 70 4.56 -30.31 1.39
CA PHE A 70 3.19 -29.97 1.70
C PHE A 70 2.23 -30.94 1.01
N LEU A 71 2.49 -31.24 -0.26
CA LEU A 71 1.60 -32.13 -0.98
C LEU A 71 1.64 -33.52 -0.37
N ALA A 72 2.85 -33.99 -0.07
CA ALA A 72 3.04 -35.33 0.44
C ALA A 72 2.43 -35.51 1.83
N THR A 73 2.51 -34.48 2.67
CA THR A 73 2.10 -34.56 4.07
C THR A 73 0.97 -33.65 4.43
N GLY A 74 0.66 -32.69 3.58
CA GLY A 74 -0.43 -31.77 3.92
C GLY A 74 -0.01 -30.77 4.98
N LYS A 75 1.21 -30.87 5.49
CA LYS A 75 1.78 -29.78 6.29
C LYS A 75 3.23 -29.48 5.95
N LEU A 76 3.76 -28.47 6.61
CA LEU A 76 5.14 -28.07 6.43
C LEU A 76 5.79 -27.91 7.82
N ARG A 77 6.71 -28.83 8.15
CA ARG A 77 7.31 -28.92 9.53
C ARG A 77 7.79 -27.60 10.14
N LYS A 78 8.53 -26.79 9.35
CA LYS A 78 9.08 -25.52 9.82
C LYS A 78 8.01 -24.50 10.27
N LEU A 79 6.87 -24.57 9.62
CA LEU A 79 5.82 -23.60 9.82
C LEU A 79 5.05 -24.00 11.06
N GLU A 80 4.68 -25.28 11.12
CA GLU A 80 3.99 -25.87 12.26
C GLU A 80 4.79 -25.57 13.50
N LYS A 81 6.10 -25.56 13.36
CA LYS A 81 6.96 -25.30 14.48
C LYS A 81 7.00 -23.82 14.87
N ILE A 82 7.10 -22.93 13.88
CA ILE A 82 7.12 -21.51 14.11
C ILE A 82 5.77 -21.05 14.69
N ARG A 83 4.69 -21.69 14.23
CA ARG A 83 3.32 -21.36 14.63
C ARG A 83 3.06 -21.65 16.10
N GLN A 84 3.78 -22.62 16.66
CA GLN A 84 3.64 -22.99 18.07
C GLN A 84 4.63 -22.22 18.95
N ASP A 85 5.58 -21.55 18.30
CA ASP A 85 6.58 -20.77 19.00
C ASP A 85 5.95 -19.56 19.67
N ASP A 86 6.02 -19.53 20.99
CA ASP A 86 5.50 -18.43 21.79
C ASP A 86 6.12 -17.07 21.43
N THR A 87 7.45 -16.97 21.47
CA THR A 87 8.11 -15.71 21.16
C THR A 87 7.72 -15.16 19.78
N SER A 88 7.90 -16.00 18.75
CA SER A 88 7.73 -15.61 17.35
C SER A 88 6.29 -15.30 16.97
N SER A 89 5.36 -16.15 17.35
CA SER A 89 3.99 -15.89 16.97
C SER A 89 3.47 -14.57 17.63
N SER A 90 4.06 -14.18 18.76
CA SER A 90 3.71 -12.92 19.42
C SER A 90 4.27 -11.76 18.60
N ILE A 91 5.54 -11.88 18.20
CA ILE A 91 6.19 -10.82 17.45
C ILE A 91 5.42 -10.55 16.15
N ASN A 92 5.18 -11.61 15.41
CA ASN A 92 4.35 -11.59 14.23
C ASN A 92 3.02 -10.88 14.49
N PHE A 93 2.37 -11.22 15.61
CA PHE A 93 1.11 -10.62 15.91
C PHE A 93 1.20 -9.10 16.15
N LEU A 94 2.13 -8.70 17.00
CA LEU A 94 2.24 -7.32 17.42
C LEU A 94 2.48 -6.35 16.25
N THR A 95 3.15 -6.81 15.19
CA THR A 95 3.39 -5.98 14.03
C THR A 95 2.10 -5.63 13.31
N ARG A 96 1.00 -6.30 13.65
CA ARG A 96 -0.27 -5.93 13.03
C ARG A 96 -0.79 -4.56 13.54
N VAL A 97 -0.20 -4.07 14.63
CA VAL A 97 -0.51 -2.75 15.11
C VAL A 97 0.26 -1.82 14.22
N SER A 98 -0.47 -0.89 13.61
CA SER A 98 0.10 0.10 12.73
C SER A 98 1.00 1.04 13.50
N GLY A 99 2.23 1.17 13.01
CA GLY A 99 3.29 1.90 13.70
C GLY A 99 4.18 1.01 14.56
N ILE A 100 3.80 -0.28 14.67
CA ILE A 100 4.66 -1.29 15.25
C ILE A 100 5.22 -2.13 14.11
N GLY A 101 6.51 -2.04 13.86
CA GLY A 101 7.14 -2.88 12.85
C GLY A 101 7.93 -4.01 13.51
N PRO A 102 8.73 -4.73 12.72
CA PRO A 102 9.55 -5.81 13.28
C PRO A 102 10.40 -5.40 14.48
N SER A 103 10.94 -4.17 14.47
CA SER A 103 11.84 -3.77 15.53
C SER A 103 11.14 -3.47 16.85
N ALA A 104 10.10 -2.63 16.83
CA ALA A 104 9.32 -2.38 18.02
C ALA A 104 8.73 -3.69 18.55
N ALA A 105 8.22 -4.55 17.67
CA ALA A 105 7.63 -5.81 18.12
C ALA A 105 8.64 -6.74 18.78
N ARG A 106 9.88 -6.71 18.31
CA ARG A 106 11.01 -7.39 18.98
C ARG A 106 11.23 -6.87 20.39
N LYS A 107 11.39 -5.55 20.55
CA LYS A 107 11.66 -4.95 21.87
C LYS A 107 10.57 -5.33 22.84
N PHE A 108 9.33 -5.26 22.38
CA PHE A 108 8.18 -5.53 23.20
C PHE A 108 8.19 -6.94 23.69
N VAL A 109 8.32 -7.90 22.80
CA VAL A 109 8.21 -9.30 23.20
C VAL A 109 9.38 -9.67 24.11
N ASP A 110 10.54 -9.07 23.83
CA ASP A 110 11.70 -9.18 24.67
C ASP A 110 11.38 -8.86 26.13
N GLU A 111 10.62 -7.78 26.36
CA GLU A 111 10.33 -7.31 27.72
C GLU A 111 8.95 -7.68 28.27
N GLY A 112 8.41 -8.79 27.79
CA GLY A 112 7.21 -9.34 28.36
C GLY A 112 5.98 -9.04 27.55
N ILE A 113 5.88 -7.81 27.05
CA ILE A 113 4.71 -7.32 26.33
C ILE A 113 4.45 -8.13 25.07
N LYS A 114 3.36 -8.89 25.05
CA LYS A 114 3.10 -9.84 23.95
C LYS A 114 1.73 -9.68 23.32
N THR A 115 0.79 -9.05 24.03
CA THR A 115 -0.62 -9.09 23.61
C THR A 115 -1.16 -7.69 23.42
N LEU A 116 -2.41 -7.58 22.97
CA LEU A 116 -3.07 -6.28 22.86
C LEU A 116 -3.29 -5.70 24.24
N GLU A 117 -3.81 -6.54 25.14
CA GLU A 117 -3.92 -6.17 26.55
C GLU A 117 -2.59 -5.77 27.11
N ASP A 118 -1.53 -6.45 26.70
CA ASP A 118 -0.20 -6.04 27.16
C ASP A 118 0.11 -4.63 26.72
N LEU A 119 -0.26 -4.25 25.50
CA LEU A 119 0.00 -2.90 25.04
C LEU A 119 -0.93 -1.94 25.76
N ARG A 120 -2.20 -2.31 25.84
CA ARG A 120 -3.20 -1.51 26.56
C ARG A 120 -2.73 -1.13 28.00
N LYS A 121 -2.04 -2.07 28.67
CA LYS A 121 -1.50 -1.83 30.02
C LYS A 121 -0.24 -0.97 30.04
N ASN A 122 0.34 -0.70 28.87
CA ASN A 122 1.62 0.01 28.80
C ASN A 122 1.63 1.21 27.84
N GLU A 123 0.53 1.97 27.82
CA GLU A 123 0.43 3.20 27.03
C GLU A 123 1.76 3.99 26.99
N ASP A 124 2.49 3.97 28.08
CA ASP A 124 3.58 4.90 28.28
C ASP A 124 4.86 4.43 27.60
N LYS A 125 4.79 3.29 26.92
CA LYS A 125 5.91 2.72 26.16
C LYS A 125 5.63 2.76 24.65
N LEU A 126 4.44 3.23 24.32
CA LEU A 126 4.04 3.39 22.95
C LEU A 126 4.29 4.85 22.53
N ASN A 127 4.98 5.05 21.41
CA ASN A 127 4.98 6.39 20.79
C ASN A 127 3.54 6.77 20.35
N HIS A 128 3.34 8.01 19.85
CA HIS A 128 2.00 8.49 19.43
C HIS A 128 1.40 7.70 18.32
N HIS A 129 2.18 7.29 17.34
CA HIS A 129 1.63 6.54 16.21
C HIS A 129 1.07 5.27 16.77
N GLN A 130 1.82 4.62 17.63
CA GLN A 130 1.43 3.31 18.12
C GLN A 130 0.12 3.32 18.89
N ARG A 131 -0.12 4.36 19.69
CA ARG A 131 -1.37 4.50 20.44
C ARG A 131 -2.56 4.55 19.53
N ILE A 132 -2.45 5.33 18.47
CA ILE A 132 -3.50 5.44 17.48
C ILE A 132 -3.71 4.06 16.87
N GLY A 133 -2.61 3.39 16.52
CA GLY A 133 -2.67 2.03 15.98
C GLY A 133 -3.42 1.08 16.90
N LEU A 134 -3.16 1.18 18.19
CA LEU A 134 -3.83 0.32 19.12
C LEU A 134 -5.30 0.70 19.20
N LYS A 135 -5.59 1.99 19.36
CA LYS A 135 -6.97 2.47 19.40
C LYS A 135 -7.82 1.87 18.29
N TYR A 136 -7.24 1.74 17.10
CA TYR A 136 -8.03 1.45 15.92
C TYR A 136 -7.67 0.11 15.26
N PHE A 137 -7.02 -0.76 16.03
CA PHE A 137 -6.50 -2.01 15.54
C PHE A 137 -7.59 -2.71 14.75
N GLY A 138 -8.75 -2.87 15.38
CA GLY A 138 -9.86 -3.57 14.74
C GLY A 138 -10.28 -2.91 13.44
N ASP A 139 -10.56 -1.60 13.50
CA ASP A 139 -11.03 -0.85 12.33
C ASP A 139 -10.05 -0.92 11.19
N PHE A 140 -8.76 -0.94 11.52
CA PHE A 140 -7.72 -0.77 10.51
C PHE A 140 -7.58 -2.03 9.70
N GLU A 141 -7.99 -3.15 10.25
CA GLU A 141 -7.85 -4.41 9.52
C GLU A 141 -9.12 -4.71 8.72
N LYS A 142 -10.10 -3.82 8.77
CA LYS A 142 -11.34 -3.93 7.97
C LYS A 142 -11.07 -3.39 6.59
N ARG A 143 -11.94 -3.70 5.66
CA ARG A 143 -11.81 -3.10 4.36
C ARG A 143 -12.81 -1.96 4.25
N ILE A 144 -12.58 -1.11 3.25
CA ILE A 144 -13.44 0.02 2.99
C ILE A 144 -14.26 -0.33 1.75
N PRO A 145 -15.59 -0.44 1.91
CA PRO A 145 -16.43 -0.68 0.74
C PRO A 145 -16.46 0.60 -0.14
N ARG A 146 -16.37 0.39 -1.46
CA ARG A 146 -16.42 1.48 -2.45
C ARG A 146 -17.54 2.48 -2.21
N GLU A 147 -18.75 2.04 -1.84
CA GLU A 147 -19.79 3.01 -1.47
C GLU A 147 -19.34 4.00 -0.38
N GLU A 148 -18.51 3.55 0.56
CA GLU A 148 -18.06 4.47 1.60
C GLU A 148 -16.96 5.32 1.02
N MET A 149 -16.19 4.72 0.12
CA MET A 149 -15.12 5.44 -0.50
C MET A 149 -15.66 6.63 -1.27
N LEU A 150 -16.71 6.40 -2.06
CA LEU A 150 -17.41 7.51 -2.74
C LEU A 150 -17.87 8.56 -1.70
N GLN A 151 -18.61 8.13 -0.68
CA GLN A 151 -18.98 9.03 0.41
C GLN A 151 -17.79 9.79 0.96
N MET A 152 -16.69 9.10 1.22
CA MET A 152 -15.50 9.79 1.74
C MET A 152 -14.99 10.86 0.75
N GLN A 153 -14.94 10.48 -0.53
CA GLN A 153 -14.42 11.34 -1.57
C GLN A 153 -15.29 12.59 -1.69
N ASP A 154 -16.61 12.41 -1.77
CA ASP A 154 -17.57 13.53 -1.72
C ASP A 154 -17.09 14.57 -0.73
N ILE A 155 -16.84 14.14 0.50
CA ILE A 155 -16.34 15.03 1.55
C ILE A 155 -14.98 15.64 1.19
N VAL A 156 -14.04 14.85 0.69
CA VAL A 156 -12.70 15.37 0.50
C VAL A 156 -12.71 16.40 -0.59
N LEU A 157 -13.39 16.10 -1.69
CA LEU A 157 -13.44 17.00 -2.86
C LEU A 157 -14.22 18.28 -2.53
N ASN A 158 -15.30 18.13 -1.75
CA ASN A 158 -16.04 19.26 -1.28
C ASN A 158 -15.22 20.18 -0.38
N GLU A 159 -14.55 19.63 0.62
CA GLU A 159 -13.83 20.47 1.56
C GLU A 159 -12.58 21.13 0.97
N VAL A 160 -11.90 20.43 0.07
CA VAL A 160 -10.69 20.96 -0.61
C VAL A 160 -11.06 22.22 -1.43
N LYS A 161 -12.05 22.05 -2.31
CA LYS A 161 -12.66 23.12 -3.08
C LYS A 161 -13.17 24.29 -2.21
N LYS A 162 -13.73 23.97 -1.05
CA LYS A 162 -14.28 24.99 -0.18
C LYS A 162 -13.18 25.86 0.40
N VAL A 163 -11.98 25.28 0.57
CA VAL A 163 -10.81 26.04 1.08
C VAL A 163 -10.15 26.93 -0.01
N ASP A 164 -10.18 26.48 -1.26
CA ASP A 164 -9.65 27.25 -2.36
C ASP A 164 -10.00 26.44 -3.61
N SER A 165 -10.82 27.04 -4.49
CA SER A 165 -11.33 26.42 -5.70
C SER A 165 -10.28 26.08 -6.75
N GLU A 166 -9.04 26.54 -6.56
CA GLU A 166 -8.01 26.27 -7.56
C GLU A 166 -7.21 25.02 -7.27
N TYR A 167 -7.50 24.39 -6.14
CA TYR A 167 -6.87 23.13 -5.77
C TYR A 167 -7.30 21.96 -6.70
N ILE A 168 -6.44 20.97 -6.87
CA ILE A 168 -6.90 19.77 -7.52
C ILE A 168 -6.65 18.63 -6.58
N ALA A 169 -7.68 17.83 -6.37
CA ALA A 169 -7.58 16.66 -5.51
C ALA A 169 -7.98 15.45 -6.33
N THR A 170 -7.21 14.37 -6.22
CA THR A 170 -7.57 13.16 -6.93
C THR A 170 -7.35 11.98 -6.03
N VAL A 171 -8.42 11.25 -5.74
CA VAL A 171 -8.30 10.04 -4.93
C VAL A 171 -7.79 8.89 -5.80
N CYS A 172 -6.57 8.44 -5.54
CA CYS A 172 -5.89 7.44 -6.39
C CYS A 172 -6.04 6.01 -5.88
N GLY A 173 -4.95 5.23 -5.91
CA GLY A 173 -4.97 3.87 -5.38
C GLY A 173 -5.89 2.94 -6.15
N SER A 174 -6.18 1.78 -5.58
CA SER A 174 -7.05 0.82 -6.24
C SER A 174 -8.46 1.39 -6.40
N PHE A 175 -8.86 2.29 -5.51
CA PHE A 175 -10.13 3.01 -5.67
C PHE A 175 -10.29 3.53 -7.11
N ARG A 176 -9.31 4.30 -7.56
CA ARG A 176 -9.32 4.88 -8.92
C ARG A 176 -9.43 3.84 -10.07
N ARG A 177 -8.94 2.62 -9.83
CA ARG A 177 -9.04 1.50 -10.79
C ARG A 177 -10.35 0.69 -10.64
N GLY A 178 -11.39 1.32 -10.10
CA GLY A 178 -12.71 0.75 -10.06
C GLY A 178 -12.97 -0.33 -9.01
N ALA A 179 -12.05 -0.49 -8.07
CA ALA A 179 -12.12 -1.59 -7.10
C ALA A 179 -13.36 -1.60 -6.19
N GLU A 180 -13.91 -2.80 -6.02
CA GLU A 180 -15.03 -3.08 -5.10
C GLU A 180 -14.78 -2.63 -3.66
N SER A 181 -13.59 -2.87 -3.14
CA SER A 181 -13.19 -2.37 -1.81
C SER A 181 -11.76 -1.80 -1.80
N SER A 182 -11.46 -0.98 -0.79
CA SER A 182 -10.13 -0.37 -0.58
C SER A 182 -9.62 -0.61 0.83
N GLY A 183 -8.33 -0.33 1.05
CA GLY A 183 -7.68 -0.57 2.32
C GLY A 183 -7.50 0.73 3.07
N ASP A 184 -7.31 1.80 2.32
CA ASP A 184 -7.14 3.13 2.93
C ASP A 184 -7.48 4.10 1.83
N MET A 185 -7.36 5.40 2.08
CA MET A 185 -7.57 6.41 1.05
C MET A 185 -6.28 7.18 0.83
N ASP A 186 -5.96 7.41 -0.45
CA ASP A 186 -4.78 8.18 -0.87
C ASP A 186 -5.21 9.31 -1.80
N VAL A 187 -5.16 10.55 -1.28
CA VAL A 187 -5.55 11.75 -2.00
C VAL A 187 -4.31 12.49 -2.48
N LEU A 188 -4.23 12.74 -3.78
CA LEU A 188 -3.15 13.55 -4.33
C LEU A 188 -3.61 14.97 -4.61
N LEU A 189 -2.90 15.92 -4.04
CA LEU A 189 -3.40 17.28 -4.00
C LEU A 189 -2.34 18.23 -4.55
N THR A 190 -2.74 19.11 -5.46
CA THR A 190 -1.89 20.19 -5.99
C THR A 190 -2.65 21.54 -6.15
N HIS A 191 -1.91 22.61 -6.49
CA HIS A 191 -2.44 23.97 -6.59
C HIS A 191 -1.53 24.63 -7.57
N PRO A 192 -2.01 25.61 -8.37
CA PRO A 192 -1.16 26.40 -9.30
C PRO A 192 0.05 27.09 -8.67
N SER A 193 -0.04 27.50 -7.42
CA SER A 193 1.09 28.19 -6.81
C SER A 193 2.20 27.28 -6.30
N PHE A 194 2.05 25.97 -6.49
CA PHE A 194 3.09 25.01 -6.11
C PHE A 194 3.63 24.28 -7.31
N THR A 195 4.86 24.65 -7.68
CA THR A 195 5.64 23.93 -8.67
C THR A 195 7.05 23.62 -8.12
N SER A 196 7.78 22.75 -8.83
CA SER A 196 9.20 22.46 -8.56
C SER A 196 10.08 23.69 -8.37
N GLU A 197 9.84 24.71 -9.20
CA GLU A 197 10.51 26.03 -9.13
C GLU A 197 9.82 27.03 -8.17
N SER A 198 8.86 26.55 -7.38
CA SER A 198 8.19 27.34 -6.31
C SER A 198 8.67 26.91 -4.91
N GLN A 201 1.88 29.77 0.28
CA GLN A 201 2.93 29.60 1.29
C GLN A 201 3.69 28.31 1.04
N LYS A 203 1.81 26.63 3.53
CA LYS A 203 0.63 26.23 4.31
C LYS A 203 -0.46 25.51 3.49
N LEU A 204 -0.16 25.10 2.26
CA LEU A 204 -1.18 24.53 1.39
C LEU A 204 -1.70 23.19 1.89
N LEU A 205 -0.82 22.36 2.45
CA LEU A 205 -1.27 21.08 2.97
C LEU A 205 -2.01 21.34 4.27
N HIS A 206 -1.37 22.07 5.17
CA HIS A 206 -2.01 22.45 6.44
C HIS A 206 -3.43 22.93 6.34
N GLN A 207 -3.70 23.86 5.45
CA GLN A 207 -5.04 24.45 5.42
C GLN A 207 -6.13 23.45 5.09
N VAL A 208 -5.77 22.43 4.32
CA VAL A 208 -6.72 21.41 3.91
C VAL A 208 -6.99 20.35 4.99
N VAL A 209 -5.93 19.89 5.64
CA VAL A 209 -6.05 19.10 6.84
C VAL A 209 -6.89 19.84 7.86
N GLU A 210 -6.50 21.07 8.18
CA GLU A 210 -7.27 21.92 9.07
C GLU A 210 -8.78 21.89 8.81
N GLN A 211 -9.17 21.96 7.54
CA GLN A 211 -10.58 22.11 7.21
C GLN A 211 -11.28 20.76 7.25
N LEU A 212 -10.52 19.70 6.97
CA LEU A 212 -11.08 18.37 7.08
C LEU A 212 -11.22 18.06 8.55
N GLN A 213 -10.41 18.73 9.37
CA GLN A 213 -10.53 18.55 10.80
C GLN A 213 -11.68 19.40 11.31
N LYS A 214 -11.80 20.62 10.81
CA LYS A 214 -12.88 21.49 11.27
C LYS A 214 -14.27 20.89 11.03
N VAL A 215 -14.46 20.14 9.94
CA VAL A 215 -15.76 19.48 9.71
C VAL A 215 -15.80 18.06 10.23
N HIS A 216 -14.78 17.71 11.02
CA HIS A 216 -14.73 16.46 11.78
C HIS A 216 -14.55 15.22 10.97
N PHE A 217 -13.98 15.33 9.77
CA PHE A 217 -13.75 14.16 8.95
C PHE A 217 -12.45 13.48 9.39
N ILE A 218 -11.42 14.29 9.58
CA ILE A 218 -10.14 13.85 10.08
C ILE A 218 -10.18 13.86 11.61
N THR A 219 -9.96 12.70 12.21
CA THR A 219 -10.08 12.52 13.65
C THR A 219 -8.72 12.40 14.38
N ASP A 220 -7.69 11.90 13.69
CA ASP A 220 -6.35 11.73 14.28
C ASP A 220 -5.24 11.89 13.22
N THR A 221 -4.04 12.18 13.72
CA THR A 221 -2.89 12.49 12.88
C THR A 221 -1.81 11.51 13.24
N LEU A 222 -1.34 10.74 12.26
CA LEU A 222 -0.16 9.89 12.42
C LEU A 222 1.14 10.68 12.21
N SER A 223 1.13 11.58 11.24
CA SER A 223 2.30 12.34 10.86
C SER A 223 1.85 13.40 9.85
N LYS A 224 2.48 14.57 9.88
CA LYS A 224 2.10 15.69 9.01
C LYS A 224 3.23 16.69 8.88
N GLY A 225 3.64 16.98 7.65
CA GLY A 225 4.70 17.97 7.35
C GLY A 225 4.31 18.91 6.22
N GLU A 226 5.26 19.49 5.51
CA GLU A 226 4.84 20.36 4.41
C GLU A 226 4.23 19.64 3.17
N THR A 227 4.57 18.37 2.94
CA THR A 227 4.05 17.71 1.75
C THR A 227 3.23 16.41 1.98
N LYS A 228 3.45 15.71 3.08
CA LYS A 228 2.72 14.48 3.31
C LYS A 228 1.98 14.45 4.66
N PHE A 229 0.71 14.06 4.57
CA PHE A 229 -0.11 13.83 5.71
C PHE A 229 -0.60 12.40 5.71
N MET A 230 -0.41 11.75 6.85
CA MET A 230 -0.98 10.45 7.14
C MET A 230 -1.81 10.59 8.41
N GLY A 231 -3.02 10.05 8.40
CA GLY A 231 -3.86 10.18 9.54
C GLY A 231 -5.05 9.27 9.46
N VAL A 232 -6.05 9.59 10.27
CA VAL A 232 -7.25 8.80 10.41
C VAL A 232 -8.47 9.65 10.09
N CYS A 233 -9.52 9.02 9.54
CA CYS A 233 -10.75 9.73 9.21
C CYS A 233 -12.00 8.89 9.43
N GLN A 234 -13.17 9.53 9.41
CA GLN A 234 -14.45 8.86 9.59
C GLN A 234 -15.62 9.56 8.91
N LEU A 235 -16.52 8.77 8.34
CA LEU A 235 -17.82 9.24 7.89
C LEU A 235 -18.74 9.50 9.09
N PRO A 236 -19.59 10.53 9.00
CA PRO A 236 -20.42 10.82 10.17
C PRO A 236 -21.59 9.83 10.34
N SER A 237 -22.19 9.85 11.54
CA SER A 237 -23.24 8.89 11.87
C SER A 237 -24.59 9.28 11.30
N LYS A 238 -25.33 8.26 10.87
CA LYS A 238 -26.66 8.38 10.24
C LYS A 238 -27.60 9.44 10.86
N ASP A 240 -28.28 7.51 14.19
CA ASP A 240 -28.92 6.44 14.96
C ASP A 240 -28.39 5.05 14.59
N GLU A 241 -27.90 4.90 13.35
CA GLU A 241 -27.24 3.67 12.89
C GLU A 241 -25.80 3.64 13.42
N LYS A 242 -25.32 2.42 13.70
CA LYS A 242 -23.95 2.17 14.15
C LYS A 242 -22.87 3.05 13.47
N GLU A 243 -21.99 3.66 14.27
CA GLU A 243 -20.88 4.47 13.73
C GLU A 243 -20.01 3.69 12.71
N TYR A 244 -19.46 4.43 11.75
CA TYR A 244 -18.63 3.84 10.71
C TYR A 244 -17.28 3.55 11.33
N PRO A 245 -16.52 2.59 10.75
CA PRO A 245 -15.17 2.36 11.25
C PRO A 245 -14.27 3.55 10.93
N HIS A 246 -13.29 3.81 11.79
CA HIS A 246 -12.25 4.80 11.50
C HIS A 246 -11.37 4.31 10.38
N ARG A 247 -10.85 5.21 9.54
CA ARG A 247 -10.10 4.79 8.35
C ARG A 247 -8.76 5.50 8.22
N ARG A 248 -7.81 4.80 7.61
CA ARG A 248 -6.54 5.39 7.22
C ARG A 248 -6.78 6.22 5.98
N ILE A 249 -6.19 7.41 5.98
CA ILE A 249 -6.20 8.34 4.85
C ILE A 249 -4.81 8.96 4.76
N ASP A 250 -4.30 9.03 3.54
CA ASP A 250 -3.10 9.76 3.29
C ASP A 250 -3.47 10.84 2.33
N ILE A 251 -2.93 12.03 2.57
CA ILE A 251 -3.12 13.12 1.64
C ILE A 251 -1.74 13.60 1.29
N ARG A 252 -1.39 13.68 0.02
CA ARG A 252 -0.08 14.20 -0.31
C ARG A 252 -0.13 15.41 -1.24
N LEU A 253 0.80 16.34 -1.03
CA LEU A 253 0.86 17.59 -1.79
C LEU A 253 2.01 17.54 -2.76
N ILE A 254 1.65 17.52 -4.04
CA ILE A 254 2.58 17.43 -5.16
C ILE A 254 2.60 18.73 -5.96
N PRO A 255 3.78 19.13 -6.45
CA PRO A 255 3.83 20.23 -7.37
C PRO A 255 3.02 19.96 -8.66
N LYS A 256 2.48 21.03 -9.24
CA LYS A 256 1.60 20.92 -10.40
C LYS A 256 2.29 20.26 -11.62
N ASP A 257 3.58 20.54 -11.85
CA ASP A 257 4.28 19.91 -12.98
C ASP A 257 4.58 18.44 -12.75
N GLN A 258 4.39 17.97 -11.52
CA GLN A 258 4.66 16.58 -11.23
C GLN A 258 3.42 15.87 -10.82
N TYR A 259 2.28 16.53 -11.01
CA TYR A 259 1.04 16.01 -10.50
C TYR A 259 0.63 14.77 -11.27
N TYR A 260 0.55 14.87 -12.58
CA TYR A 260 -0.02 13.77 -13.34
C TYR A 260 0.88 12.54 -13.37
N CYS A 261 2.18 12.75 -13.17
CA CYS A 261 3.09 11.65 -12.87
C CYS A 261 2.72 11.03 -11.51
N GLY A 262 2.44 11.89 -10.54
CA GLY A 262 2.01 11.44 -9.23
C GLY A 262 0.77 10.56 -9.34
N VAL A 263 -0.22 11.04 -10.08
CA VAL A 263 -1.50 10.34 -10.23
C VAL A 263 -1.30 8.98 -10.89
N LEU A 264 -0.67 8.97 -12.06
CA LEU A 264 -0.28 7.74 -12.73
C LEU A 264 0.36 6.77 -11.74
N TYR A 265 1.40 7.23 -11.05
CA TYR A 265 2.17 6.39 -10.14
C TYR A 265 1.34 5.86 -8.99
N PHE A 266 0.59 6.74 -8.31
CA PHE A 266 -0.17 6.29 -7.16
C PHE A 266 -1.49 5.66 -7.53
N THR A 267 -1.83 5.74 -8.83
CA THR A 267 -2.93 4.94 -9.35
C THR A 267 -2.51 3.44 -9.45
N GLY A 268 -1.29 3.16 -9.89
CA GLY A 268 -0.81 1.78 -9.97
C GLY A 268 -1.62 1.01 -11.01
N SER A 269 -1.75 -0.32 -10.86
CA SER A 269 -1.22 -1.12 -9.76
C SER A 269 0.31 -1.32 -9.85
N ASP A 270 0.89 -1.85 -8.76
CA ASP A 270 2.34 -2.08 -8.65
C ASP A 270 2.89 -2.80 -9.87
N ILE A 271 2.13 -3.80 -10.33
CA ILE A 271 2.55 -4.60 -11.50
C ILE A 271 2.44 -3.74 -12.76
N PHE A 272 1.34 -3.01 -12.93
CA PHE A 272 1.20 -2.08 -14.06
C PHE A 272 2.32 -1.04 -14.22
N ASN A 273 2.79 -0.44 -13.13
CA ASN A 273 3.92 0.48 -13.17
C ASN A 273 5.23 -0.24 -13.51
N LYS A 274 5.38 -1.44 -12.97
CA LYS A 274 6.53 -2.29 -13.26
C LYS A 274 6.67 -2.51 -14.78
N ASN A 275 5.54 -2.75 -15.46
CA ASN A 275 5.54 -2.92 -16.90
C ASN A 275 5.79 -1.61 -17.64
N MET A 276 5.02 -0.59 -17.26
CA MET A 276 5.09 0.71 -17.93
C MET A 276 6.49 1.30 -17.85
N ARG A 277 7.22 0.98 -16.77
CA ARG A 277 8.63 1.39 -16.68
C ARG A 277 9.49 0.59 -17.65
N ALA A 278 9.29 -0.73 -17.68
CA ALA A 278 9.97 -1.58 -18.65
C ALA A 278 9.70 -1.16 -20.10
N HIS A 279 8.46 -0.84 -20.44
CA HIS A 279 8.14 -0.44 -21.80
C HIS A 279 8.73 0.89 -22.17
N ALA A 280 8.53 1.89 -21.32
CA ALA A 280 9.07 3.22 -21.55
C ALA A 280 10.59 3.20 -21.66
N LEU A 281 11.22 2.18 -21.11
CA LEU A 281 12.66 2.01 -21.19
C LEU A 281 13.11 1.93 -22.67
N GLU A 282 12.82 0.81 -23.33
CA GLU A 282 13.26 0.60 -24.72
C GLU A 282 12.84 1.72 -25.65
N LYS A 283 11.64 2.26 -25.42
CA LYS A 283 11.18 3.42 -26.19
C LYS A 283 12.00 4.68 -25.90
N GLY A 284 13.03 4.53 -25.06
CA GLY A 284 14.01 5.58 -24.79
C GLY A 284 13.65 6.59 -23.72
N PHE A 285 12.79 6.18 -22.79
CA PHE A 285 12.33 7.05 -21.69
C PHE A 285 12.53 6.42 -20.28
N THR A 286 12.74 7.26 -19.29
CA THR A 286 12.67 6.83 -17.89
C THR A 286 11.50 7.52 -17.16
N ILE A 287 10.54 6.71 -16.72
CA ILE A 287 9.46 7.20 -15.89
C ILE A 287 9.84 6.93 -14.45
N ASN A 288 9.73 7.93 -13.59
CA ASN A 288 9.57 7.65 -12.16
C ASN A 288 8.23 8.23 -11.63
N GLU A 289 8.06 8.29 -10.31
CA GLU A 289 6.83 8.83 -9.74
C GLU A 289 6.72 10.33 -9.92
N TYR A 290 7.86 10.98 -10.09
CA TYR A 290 7.95 12.42 -10.24
C TYR A 290 7.80 12.93 -11.68
N THR A 291 8.61 12.39 -12.58
CA THR A 291 8.78 12.96 -13.90
C THR A 291 9.01 11.86 -14.89
N ILE A 292 8.79 12.16 -16.14
CA ILE A 292 9.28 11.31 -17.22
C ILE A 292 10.45 12.05 -17.87
N ARG A 293 11.55 11.34 -18.11
CA ARG A 293 12.74 11.94 -18.72
C ARG A 293 13.22 11.07 -19.87
N PRO A 294 13.85 11.69 -20.90
CA PRO A 294 14.45 10.92 -22.01
C PRO A 294 15.88 10.53 -21.71
N LEU A 295 16.17 9.26 -22.00
CA LEU A 295 17.51 8.74 -21.91
C LEU A 295 18.15 9.06 -23.24
N GLY A 296 19.27 9.79 -23.19
CA GLY A 296 20.12 10.06 -24.35
C GLY A 296 20.94 8.85 -24.73
N VAL A 297 21.76 9.00 -25.78
CA VAL A 297 22.42 7.84 -26.44
C VAL A 297 23.06 6.78 -25.50
N THR A 298 23.76 7.25 -24.45
CA THR A 298 24.50 6.38 -23.51
C THR A 298 23.79 6.09 -22.16
N GLY A 299 22.64 6.71 -21.92
CA GLY A 299 21.87 6.49 -20.70
C GLY A 299 21.62 7.76 -19.89
N VAL A 300 22.33 8.83 -20.24
CA VAL A 300 22.21 10.13 -19.54
C VAL A 300 20.83 10.79 -19.72
N ALA A 301 20.00 10.68 -18.67
CA ALA A 301 18.67 11.27 -18.62
C ALA A 301 18.71 12.80 -18.65
N GLY A 302 18.00 13.40 -19.62
CA GLY A 302 17.98 14.87 -19.77
C GLY A 302 16.83 15.53 -19.01
N GLU A 303 16.54 16.79 -19.31
CA GLU A 303 15.46 17.53 -18.64
C GLU A 303 14.10 16.81 -18.64
N PRO A 304 13.34 16.96 -17.55
CA PRO A 304 12.00 16.36 -17.50
C PRO A 304 11.08 17.00 -18.53
N LEU A 305 10.32 16.16 -19.23
CA LEU A 305 9.40 16.61 -20.25
C LEU A 305 8.16 17.16 -19.55
N PRO A 306 7.57 18.27 -20.06
CA PRO A 306 6.38 18.77 -19.36
C PRO A 306 5.24 17.77 -19.54
N VAL A 307 4.38 17.65 -18.53
CA VAL A 307 3.22 16.74 -18.58
C VAL A 307 1.98 17.49 -18.07
N ASP A 308 0.88 17.44 -18.81
CA ASP A 308 -0.29 18.26 -18.47
C ASP A 308 -1.57 17.44 -18.29
N SER A 309 -1.41 16.14 -18.47
CA SER A 309 -2.40 15.15 -18.10
C SER A 309 -1.72 13.79 -18.07
N GLU A 310 -2.37 12.78 -17.49
CA GLU A 310 -1.86 11.41 -17.57
C GLU A 310 -1.55 11.03 -19.01
N LYS A 311 -2.45 11.39 -19.90
CA LYS A 311 -2.32 11.09 -21.31
C LYS A 311 -0.95 11.49 -21.87
N ASP A 312 -0.45 12.68 -21.54
CA ASP A 312 0.86 13.11 -22.04
C ASP A 312 1.92 12.01 -21.89
N ILE A 313 1.93 11.38 -20.72
CA ILE A 313 2.92 10.34 -20.42
C ILE A 313 2.74 9.22 -21.43
N PHE A 314 1.49 8.78 -21.63
CA PHE A 314 1.20 7.71 -22.58
C PHE A 314 1.64 8.01 -24.00
N ASP A 315 1.49 9.28 -24.41
CA ASP A 315 1.99 9.76 -25.71
C ASP A 315 3.51 9.50 -25.85
N TYR A 316 4.30 10.20 -25.03
CA TYR A 316 5.75 10.06 -25.04
C TYR A 316 6.28 8.66 -25.27
N ILE A 317 5.59 7.65 -24.76
CA ILE A 317 6.06 6.27 -24.94
C ILE A 317 5.28 5.41 -25.96
N GLN A 318 4.44 6.08 -26.77
CA GLN A 318 3.56 5.45 -27.77
C GLN A 318 2.71 4.28 -27.23
N TRP A 319 1.88 4.62 -26.26
CA TRP A 319 0.85 3.73 -25.74
C TRP A 319 -0.44 4.48 -25.89
N LYS A 320 -1.55 3.76 -26.09
CA LYS A 320 -2.87 4.42 -26.04
C LYS A 320 -3.26 4.54 -24.57
N TYR A 321 -3.74 5.73 -24.18
CA TYR A 321 -4.20 5.99 -22.81
C TYR A 321 -5.07 4.84 -22.35
N ARG A 322 -4.56 4.02 -21.43
CA ARG A 322 -5.38 2.96 -20.83
C ARG A 322 -6.20 3.53 -19.66
N GLU A 323 -7.48 3.13 -19.59
CA GLU A 323 -8.36 3.59 -18.50
C GLU A 323 -7.83 3.04 -17.17
N PRO A 324 -7.98 3.83 -16.08
CA PRO A 324 -7.69 3.28 -14.75
C PRO A 324 -8.32 1.89 -14.49
N LYS A 325 -9.51 1.64 -15.08
CA LYS A 325 -10.24 0.36 -14.93
C LYS A 325 -9.49 -0.84 -15.51
N ASP A 326 -8.49 -0.60 -16.34
CA ASP A 326 -7.80 -1.71 -17.00
C ASP A 326 -6.29 -1.68 -16.74
N ARG A 327 -5.88 -1.16 -15.59
CA ARG A 327 -4.44 -1.10 -15.23
C ARG A 327 -4.11 -2.07 -14.12
N SER A 328 -4.65 -3.29 -14.24
CA SER A 328 -4.35 -4.36 -13.29
C SER A 328 -2.91 -4.91 -13.48
N GLU A 329 -2.40 -4.84 -14.71
CA GLU A 329 -0.98 -5.13 -15.04
C GLU A 329 -0.58 -4.54 -16.42
P BGM B 6 12.46 -2.79 -4.69
OP1 BGM B 6 10.95 -2.91 -4.91
OP2 BGM B 6 13.02 -2.71 -3.28
O5' BGM B 6 12.74 -1.36 -5.40
C5' BGM B 6 13.68 -1.06 -6.42
C4' BGM B 6 13.87 0.45 -6.41
O4' BGM B 6 12.61 1.09 -6.16
C1' BGM B 6 12.70 1.91 -4.99
N9 BGM B 6 11.38 2.03 -4.30
C8 BGM B 6 10.53 3.05 -4.43
N7 BGM B 6 9.37 3.01 -3.73
C5 BGM B 6 9.49 1.85 -3.08
C4 BGM B 6 10.78 1.22 -3.44
N3 BGM B 6 11.10 0.03 -2.88
C2 BGM B 6 10.23 -0.58 -2.00
N2 BGM B 6 10.60 -1.78 -1.48
N1 BGM B 6 9.03 -0.04 -1.65
C6 BGM B 6 8.62 1.14 -2.14
O6 BGM B 6 7.54 1.66 -1.84
C2' BGM B 6 13.83 1.32 -4.17
C3' BGM B 6 14.77 0.86 -5.26
O3' BGM B 6 15.52 1.98 -5.72
BR BGM B 6 10.97 4.60 -5.62
MG MG E . -12.24 31.02 -5.59
NA NA F . 2.89 -2.53 11.93
P PO4 G . 1.27 -3.17 9.70
O1 PO4 G . 0.92 -2.23 8.56
O2 PO4 G . 0.58 -2.62 10.94
O3 PO4 G . 0.85 -4.60 9.37
O4 PO4 G . 2.78 -3.23 9.93
NA NA H . 12.39 -21.15 -11.26
#